data_4M3J
#
_entry.id   4M3J
#
_cell.length_a   53.562
_cell.length_b   54.615
_cell.length_c   83.445
_cell.angle_alpha   90.00
_cell.angle_beta   90.00
_cell.angle_gamma   90.00
#
_symmetry.space_group_name_H-M   'P 21 21 21'
#
loop_
_entity.id
_entity.type
_entity.pdbx_description
1 polymer 'Camelid heavy-chain antibody variable fragment cAb-H7S'
2 non-polymer 'SULFATE ION'
3 water water
#
_entity_poly.entity_id   1
_entity_poly.type   'polypeptide(L)'
_entity_poly.pdbx_seq_one_letter_code
;QVQLQESGGGLVQPGGSLRLSCAASGSISSITTMGWYRQDPGKGRELVALINSVGDTTYAGSVKGRFTISRDNAKNTVYL
EMSSLKPEDTAVYYCNAFMSTNSGRTGSFWGQGTQVTVSSHHHHHH
;
_entity_poly.pdbx_strand_id   A,B
#
loop_
_chem_comp.id
_chem_comp.type
_chem_comp.name
_chem_comp.formula
SO4 non-polymer 'SULFATE ION' 'O4 S -2'
#
# COMPACT_ATOMS: atom_id res chain seq x y z
N GLN A 1 -9.45 -7.20 -23.89
CA GLN A 1 -10.67 -6.33 -23.97
C GLN A 1 -10.77 -5.20 -22.89
N VAL A 2 -9.65 -4.55 -22.57
CA VAL A 2 -9.65 -3.33 -21.72
C VAL A 2 -9.04 -2.17 -22.53
N GLN A 3 -9.69 -1.01 -22.48
CA GLN A 3 -9.15 0.23 -23.10
C GLN A 3 -8.83 1.18 -21.94
N LEU A 4 -7.74 1.95 -22.03
CA LEU A 4 -7.35 2.89 -20.97
C LEU A 4 -7.19 4.26 -21.54
N GLN A 5 -7.79 5.25 -20.87
CA GLN A 5 -7.60 6.62 -21.30
C GLN A 5 -6.94 7.40 -20.19
N GLU A 6 -5.70 7.85 -20.41
CA GLU A 6 -4.96 8.66 -19.41
C GLU A 6 -5.24 10.15 -19.55
N SER A 7 -5.29 10.86 -18.45
CA SER A 7 -5.25 12.33 -18.53
C SER A 7 -4.58 12.99 -17.33
N GLY A 8 -4.38 14.30 -17.46
CA GLY A 8 -3.93 15.12 -16.34
C GLY A 8 -2.46 15.31 -16.51
N GLY A 9 -1.78 15.79 -15.48
CA GLY A 9 -0.34 15.98 -15.60
C GLY A 9 0.00 17.31 -16.20
N GLY A 10 1.29 17.55 -16.40
CA GLY A 10 1.77 18.85 -16.83
C GLY A 10 2.95 19.29 -15.98
N LEU A 11 3.07 20.61 -15.87
CA LEU A 11 4.17 21.22 -15.14
C LEU A 11 3.74 21.78 -13.75
N VAL A 12 4.51 21.50 -12.70
CA VAL A 12 4.27 22.16 -11.43
C VAL A 12 5.57 22.56 -10.81
N GLN A 13 5.48 23.46 -9.84
CA GLN A 13 6.65 23.85 -9.05
C GLN A 13 6.93 22.84 -7.97
N PRO A 14 8.18 22.82 -7.44
CA PRO A 14 8.47 21.85 -6.38
C PRO A 14 7.52 22.11 -5.20
N GLY A 15 7.08 21.06 -4.52
CA GLY A 15 6.05 21.22 -3.49
C GLY A 15 4.63 21.31 -4.05
N GLY A 16 4.49 21.37 -5.36
CA GLY A 16 3.18 21.36 -6.02
C GLY A 16 2.43 20.03 -6.06
N SER A 17 1.25 20.05 -6.68
CA SER A 17 0.38 18.89 -6.69
C SER A 17 -0.33 18.80 -8.01
N LEU A 18 -0.72 17.59 -8.38
CA LEU A 18 -1.33 17.31 -9.68
C LEU A 18 -2.15 16.06 -9.55
N ARG A 19 -3.17 15.92 -10.40
CA ARG A 19 -3.93 14.66 -10.41
C ARG A 19 -3.76 14.00 -11.77
N LEU A 20 -3.38 12.72 -11.77
CA LEU A 20 -3.46 11.96 -13.00
C LEU A 20 -4.71 11.09 -12.95
N SER A 21 -5.33 10.87 -14.10
CA SER A 21 -6.51 10.01 -14.23
C SER A 21 -6.28 8.94 -15.28
N CYS A 22 -6.84 7.77 -15.04
CA CYS A 22 -6.72 6.68 -16.00
C CYS A 22 -8.10 6.05 -16.00
N ALA A 23 -8.85 6.28 -17.07
CA ALA A 23 -10.19 5.68 -17.20
C ALA A 23 -10.12 4.36 -17.94
N ALA A 24 -10.74 3.35 -17.36
CA ALA A 24 -10.78 2.02 -17.95
C ALA A 24 -12.14 1.72 -18.53
N SER A 25 -12.17 0.98 -19.64
CA SER A 25 -13.48 0.51 -20.18
C SER A 25 -13.35 -0.90 -20.72
N GLY A 26 -14.46 -1.63 -20.77
CA GLY A 26 -14.45 -2.93 -21.42
C GLY A 26 -14.61 -3.97 -20.33
N SER A 27 -13.68 -4.93 -20.31
CA SER A 27 -13.81 -6.08 -19.39
C SER A 27 -13.28 -5.73 -18.01
N ILE A 28 -14.06 -4.93 -17.28
CA ILE A 28 -13.61 -4.41 -15.99
C ILE A 28 -13.51 -5.55 -14.99
N SER A 29 -14.44 -6.48 -15.08
CA SER A 29 -14.56 -7.55 -14.07
C SER A 29 -13.31 -8.42 -13.95
N SER A 30 -12.50 -8.43 -15.00
CA SER A 30 -11.28 -9.24 -15.08
C SER A 30 -9.99 -8.52 -14.61
N ILE A 31 -10.08 -7.22 -14.39
CA ILE A 31 -8.94 -6.43 -13.95
C ILE A 31 -8.67 -6.80 -12.50
N THR A 32 -7.44 -7.23 -12.21
CA THR A 32 -7.07 -7.51 -10.85
C THR A 32 -6.32 -6.36 -10.22
N THR A 33 -5.51 -5.61 -10.99
CA THR A 33 -4.86 -4.43 -10.48
C THR A 33 -4.82 -3.36 -11.54
N MET A 34 -4.74 -2.11 -11.07
CA MET A 34 -4.41 -0.98 -11.91
C MET A 34 -3.40 -0.11 -11.18
N GLY A 35 -2.59 0.62 -11.91
CA GLY A 35 -1.48 1.28 -11.25
C GLY A 35 -0.80 2.25 -12.16
N TRP A 36 0.03 3.09 -11.55
CA TRP A 36 0.89 3.98 -12.29
C TRP A 36 2.32 3.54 -12.16
N TYR A 37 3.07 3.58 -13.25
CA TYR A 37 4.49 3.23 -13.26
C TYR A 37 5.23 4.34 -13.97
N ARG A 38 6.47 4.63 -13.56
CA ARG A 38 7.28 5.62 -14.28
C ARG A 38 8.53 4.97 -14.89
N GLN A 39 9.32 5.75 -15.64
CA GLN A 39 10.64 5.26 -16.08
C GLN A 39 11.63 6.38 -16.42
N GLY A 44 14.43 1.11 -16.57
CA GLY A 44 13.46 0.31 -15.82
C GLY A 44 12.12 1.03 -15.66
N ARG A 45 11.02 0.31 -15.92
CA ARG A 45 9.67 0.84 -15.67
C ARG A 45 9.22 0.42 -14.28
N GLU A 46 9.26 1.36 -13.32
CA GLU A 46 9.06 1.03 -11.90
C GLU A 46 7.70 1.46 -11.29
N LEU A 47 7.27 0.72 -10.27
CA LEU A 47 5.97 0.93 -9.67
C LEU A 47 5.97 2.24 -8.92
N VAL A 48 4.89 3.01 -9.10
CA VAL A 48 4.67 4.24 -8.33
C VAL A 48 3.56 3.95 -7.31
N ALA A 49 2.39 3.48 -7.79
CA ALA A 49 1.25 3.16 -6.92
C ALA A 49 0.30 2.26 -7.69
N LEU A 50 -0.31 1.35 -6.95
CA LEU A 50 -1.19 0.35 -7.48
C LEU A 50 -2.43 0.22 -6.56
N ILE A 51 -3.58 -0.09 -7.16
CA ILE A 51 -4.77 -0.43 -6.40
C ILE A 51 -5.32 -1.74 -6.96
N ASN A 52 -5.71 -2.67 -6.10
CA ASN A 52 -6.25 -3.93 -6.62
C ASN A 52 -7.78 -3.88 -6.66
N SER A 53 -8.41 -4.95 -7.14
CA SER A 53 -9.87 -4.94 -7.32
C SER A 53 -10.66 -4.86 -6.01
N VAL A 54 -10.04 -5.17 -4.86
CA VAL A 54 -10.75 -5.01 -3.55
C VAL A 54 -10.33 -3.68 -2.87
N GLY A 55 -9.56 -2.85 -3.59
CA GLY A 55 -9.23 -1.52 -3.08
C GLY A 55 -7.99 -1.45 -2.19
N ASP A 56 -7.18 -2.53 -2.11
CA ASP A 56 -5.93 -2.44 -1.34
C ASP A 56 -5.01 -1.57 -2.15
N THR A 57 -4.22 -0.72 -1.50
CA THR A 57 -3.32 0.18 -2.22
C THR A 57 -1.85 -0.10 -1.87
N THR A 58 -0.95 0.09 -2.83
CA THR A 58 0.48 -0.12 -2.63
C THR A 58 1.20 1.07 -3.19
N TYR A 59 2.22 1.55 -2.47
CA TYR A 59 3.02 2.75 -2.85
C TYR A 59 4.51 2.43 -2.86
N ALA A 60 5.22 2.87 -3.90
CA ALA A 60 6.70 2.93 -3.84
C ALA A 60 7.17 3.73 -2.61
N GLY A 61 8.28 3.30 -2.01
CA GLY A 61 8.84 3.99 -0.86
C GLY A 61 9.15 5.43 -1.16
N SER A 62 9.60 5.71 -2.38
CA SER A 62 9.89 7.06 -2.80
C SER A 62 8.68 8.01 -2.79
N VAL A 63 7.44 7.50 -2.82
CA VAL A 63 6.25 8.38 -2.97
C VAL A 63 5.20 8.29 -1.85
N LYS A 64 5.40 7.38 -0.90
CA LYS A 64 4.40 7.18 0.15
C LYS A 64 4.27 8.44 0.98
N GLY A 65 3.03 8.74 1.39
CA GLY A 65 2.72 9.92 2.19
C GLY A 65 2.60 11.17 1.32
N ARG A 66 3.13 11.11 0.11
CA ARG A 66 2.99 12.22 -0.84
C ARG A 66 1.95 11.91 -1.94
N PHE A 67 1.94 10.68 -2.44
CA PHE A 67 1.00 10.33 -3.52
C PHE A 67 -0.13 9.45 -2.95
N THR A 68 -1.38 9.68 -3.38
CA THR A 68 -2.49 8.82 -3.00
C THR A 68 -3.10 8.25 -4.28
N ILE A 69 -3.30 6.94 -4.28
CA ILE A 69 -4.02 6.33 -5.39
C ILE A 69 -5.46 5.99 -4.98
N SER A 70 -6.44 6.36 -5.81
CA SER A 70 -7.83 6.05 -5.48
C SER A 70 -8.59 5.66 -6.74
N ARG A 71 -9.80 5.14 -6.54
CA ARG A 71 -10.63 4.81 -7.69
C ARG A 71 -12.03 5.38 -7.53
N ASP A 72 -12.63 5.78 -8.65
CA ASP A 72 -14.05 6.10 -8.62
C ASP A 72 -14.74 5.02 -9.43
N ASN A 73 -15.27 4.03 -8.72
CA ASN A 73 -15.88 2.84 -9.34
C ASN A 73 -17.11 3.18 -10.19
N ALA A 74 -17.75 4.30 -9.89
CA ALA A 74 -18.88 4.80 -10.68
C ALA A 74 -18.44 5.18 -12.12
N LYS A 75 -17.14 5.40 -12.31
CA LYS A 75 -16.57 5.80 -13.60
C LYS A 75 -15.40 4.92 -14.05
N ASN A 76 -15.18 3.81 -13.35
CA ASN A 76 -13.99 3.00 -13.54
C ASN A 76 -12.75 3.83 -13.82
N THR A 77 -12.54 4.88 -13.04
CA THR A 77 -11.38 5.72 -13.18
C THR A 77 -10.52 5.61 -11.94
N VAL A 78 -9.24 5.47 -12.18
CA VAL A 78 -8.26 5.44 -11.10
C VAL A 78 -7.51 6.76 -11.14
N TYR A 79 -7.22 7.31 -9.96
CA TYR A 79 -6.57 8.61 -9.87
C TYR A 79 -5.28 8.52 -9.09
N LEU A 80 -4.28 9.27 -9.55
CA LEU A 80 -3.04 9.38 -8.81
C LEU A 80 -3.00 10.83 -8.35
N GLU A 81 -3.17 11.04 -7.04
CA GLU A 81 -3.16 12.38 -6.49
C GLU A 81 -1.73 12.58 -6.04
N MET A 82 -0.99 13.33 -6.86
CA MET A 82 0.41 13.62 -6.60
C MET A 82 0.50 14.90 -5.78
N SER A 83 1.34 14.92 -4.76
CA SER A 83 1.54 16.15 -3.95
C SER A 83 2.96 16.24 -3.42
N SER A 84 3.31 17.39 -2.84
CA SER A 84 4.67 17.60 -2.33
C SER A 84 5.65 17.16 -3.42
N LEU A 85 5.35 17.58 -4.65
CA LEU A 85 6.14 17.11 -5.77
C LEU A 85 7.60 17.55 -5.66
N LYS A 86 8.49 16.65 -6.07
CA LYS A 86 9.94 16.91 -6.11
C LYS A 86 10.44 16.90 -7.53
N PRO A 87 11.55 17.61 -7.83
CA PRO A 87 12.07 17.53 -9.19
C PRO A 87 12.35 16.10 -9.69
N GLU A 88 12.82 15.21 -8.82
CA GLU A 88 13.04 13.79 -9.18
C GLU A 88 11.74 13.00 -9.50
N ASP A 89 10.59 13.56 -9.15
CA ASP A 89 9.30 13.03 -9.63
C ASP A 89 9.06 13.22 -11.15
N THR A 90 9.92 14.02 -11.81
CA THR A 90 9.75 14.36 -13.23
C THR A 90 9.91 13.09 -14.05
N ALA A 91 8.93 12.75 -14.88
CA ALA A 91 8.94 11.52 -15.67
C ALA A 91 7.64 11.39 -16.44
N VAL A 92 7.61 10.40 -17.31
CA VAL A 92 6.39 10.01 -18.02
C VAL A 92 5.81 8.96 -17.08
N TYR A 93 4.54 9.10 -16.75
CA TYR A 93 3.85 8.18 -15.85
C TYR A 93 2.88 7.39 -16.71
N TYR A 94 2.90 6.08 -16.61
CA TYR A 94 2.04 5.21 -17.44
C TYR A 94 1.06 4.50 -16.54
N CYS A 95 -0.17 4.41 -16.99
CA CYS A 95 -1.19 3.63 -16.32
C CYS A 95 -1.22 2.21 -16.89
N ASN A 96 -1.34 1.23 -16.00
CA ASN A 96 -1.40 -0.19 -16.40
C ASN A 96 -2.64 -0.80 -15.79
N ALA A 97 -3.27 -1.72 -16.52
CA ALA A 97 -4.32 -2.56 -15.96
C ALA A 97 -3.91 -3.99 -16.25
N PHE A 98 -3.98 -4.84 -15.24
CA PHE A 98 -3.61 -6.21 -15.41
C PHE A 98 -4.85 -7.06 -15.22
N MET A 99 -5.04 -7.99 -16.14
CA MET A 99 -6.26 -8.77 -16.27
C MET A 99 -5.91 -10.22 -16.16
N SER A 100 -6.74 -10.95 -15.44
CA SER A 100 -6.61 -12.39 -15.34
C SER A 100 -7.99 -13.06 -15.44
N THR A 101 -8.10 -14.12 -16.26
CA THR A 101 -9.39 -14.79 -16.49
C THR A 101 -9.47 -16.10 -15.73
N ASN A 102 -10.67 -16.71 -15.72
CA ASN A 102 -10.88 -18.05 -15.17
C ASN A 102 -9.99 -19.06 -15.89
N SER A 103 -10.05 -18.99 -17.23
CA SER A 103 -9.25 -19.77 -18.18
C SER A 103 -7.76 -19.87 -17.83
N GLY A 104 -7.22 -18.88 -17.12
CA GLY A 104 -5.79 -18.77 -16.87
C GLY A 104 -5.08 -17.85 -17.86
N ARG A 105 -5.80 -17.35 -18.86
CA ARG A 105 -5.26 -16.34 -19.77
C ARG A 105 -5.02 -15.07 -18.97
N THR A 106 -4.01 -14.30 -19.36
CA THR A 106 -3.80 -13.02 -18.71
C THR A 106 -3.57 -11.97 -19.77
N GLY A 107 -3.67 -10.70 -19.36
CA GLY A 107 -3.43 -9.58 -20.24
C GLY A 107 -2.91 -8.40 -19.46
N SER A 108 -2.12 -7.59 -20.12
CA SER A 108 -1.61 -6.40 -19.49
C SER A 108 -1.79 -5.25 -20.47
N PHE A 109 -2.40 -4.15 -20.02
CA PHE A 109 -2.69 -3.00 -20.88
C PHE A 109 -2.04 -1.72 -20.35
N TRP A 110 -1.49 -0.91 -21.25
CA TRP A 110 -0.80 0.30 -20.89
C TRP A 110 -1.40 1.50 -21.58
N GLY A 111 -1.54 2.58 -20.83
CA GLY A 111 -1.94 3.85 -21.41
C GLY A 111 -0.79 4.46 -22.19
N GLN A 112 -1.02 5.61 -22.78
CA GLN A 112 0.00 6.22 -23.65
C GLN A 112 1.13 6.92 -22.89
N GLY A 113 0.92 7.23 -21.62
CA GLY A 113 1.99 7.85 -20.85
C GLY A 113 1.70 9.33 -20.72
N THR A 114 1.77 9.83 -19.49
CA THR A 114 1.43 11.23 -19.21
C THR A 114 2.69 11.88 -18.65
N GLN A 115 3.10 13.01 -19.19
CA GLN A 115 4.28 13.72 -18.69
C GLN A 115 3.98 14.52 -17.42
N VAL A 116 4.82 14.33 -16.40
CA VAL A 116 4.84 15.23 -15.22
C VAL A 116 6.22 15.82 -15.09
N THR A 117 6.31 17.15 -15.02
CA THR A 117 7.56 17.84 -14.86
C THR A 117 7.46 18.76 -13.64
N VAL A 118 8.44 18.65 -12.74
CA VAL A 118 8.45 19.43 -11.54
C VAL A 118 9.73 20.27 -11.65
N SER A 119 9.62 21.57 -11.66
CA SER A 119 10.77 22.38 -11.98
C SER A 119 10.55 23.85 -11.66
N SER A 120 11.64 24.53 -11.30
CA SER A 120 11.68 25.95 -10.88
C SER A 120 10.53 26.35 -9.94
N GLN B 1 16.00 -16.97 15.27
CA GLN B 1 15.86 -16.42 13.89
C GLN B 1 15.46 -14.91 13.87
N VAL B 2 14.16 -14.63 14.01
CA VAL B 2 13.64 -13.27 14.21
C VAL B 2 12.66 -13.34 15.38
N GLN B 3 12.89 -12.49 16.39
CA GLN B 3 11.99 -12.32 17.53
C GLN B 3 11.19 -11.03 17.35
N LEU B 4 9.91 -11.02 17.78
CA LEU B 4 9.05 -9.85 17.59
C LEU B 4 8.36 -9.46 18.87
N GLN B 5 8.58 -8.22 19.29
CA GLN B 5 7.95 -7.71 20.47
C GLN B 5 6.95 -6.64 20.04
N GLU B 6 5.66 -6.92 20.27
CA GLU B 6 4.60 -5.95 19.97
C GLU B 6 4.27 -5.15 21.21
N SER B 7 3.73 -3.96 21.01
CA SER B 7 3.29 -3.14 22.13
C SER B 7 2.37 -2.06 21.60
N GLY B 8 1.60 -1.45 22.51
CA GLY B 8 0.78 -0.30 22.19
C GLY B 8 -0.72 -0.55 22.03
N GLY B 9 -1.20 -1.72 22.38
CA GLY B 9 -2.64 -1.97 22.21
C GLY B 9 -3.53 -1.26 23.24
N GLY B 10 -4.84 -1.41 23.11
CA GLY B 10 -5.72 -0.99 24.19
C GLY B 10 -7.10 -0.59 23.74
N LEU B 11 -7.82 0.08 24.63
CA LEU B 11 -9.16 0.57 24.37
C LEU B 11 -9.14 2.03 23.98
N VAL B 12 -9.92 2.40 22.98
CA VAL B 12 -10.05 3.78 22.55
C VAL B 12 -11.52 4.02 22.14
N GLN B 13 -11.95 5.27 22.16
CA GLN B 13 -13.29 5.62 21.78
C GLN B 13 -13.38 5.75 20.25
N PRO B 14 -14.57 5.47 19.65
CA PRO B 14 -14.66 5.65 18.20
C PRO B 14 -14.16 7.07 17.86
N GLY B 15 -13.39 7.18 16.77
CA GLY B 15 -12.81 8.45 16.40
C GLY B 15 -11.43 8.72 16.95
N GLY B 16 -10.98 7.88 17.89
CA GLY B 16 -9.68 8.04 18.52
C GLY B 16 -8.54 7.46 17.72
N SER B 17 -7.36 7.48 18.36
CA SER B 17 -6.10 7.09 17.72
C SER B 17 -5.32 6.20 18.63
N LEU B 18 -4.52 5.31 18.04
CA LEU B 18 -3.56 4.47 18.76
C LEU B 18 -2.33 4.26 17.90
N ARG B 19 -1.20 3.99 18.54
CA ARG B 19 -0.01 3.56 17.81
C ARG B 19 0.45 2.20 18.26
N LEU B 20 0.64 1.29 17.33
CA LEU B 20 1.18 -0.03 17.67
C LEU B 20 2.63 -0.08 17.29
N SER B 21 3.44 -0.79 18.10
CA SER B 21 4.86 -0.93 17.83
C SER B 21 5.23 -2.39 17.74
N CYS B 22 6.15 -2.68 16.84
CA CYS B 22 6.76 -4.02 16.76
C CYS B 22 8.28 -3.95 16.57
N ALA B 23 8.99 -4.37 17.61
CA ALA B 23 10.45 -4.36 17.58
C ALA B 23 10.91 -5.73 17.12
N ALA B 24 11.69 -5.75 16.04
CA ALA B 24 12.31 -6.99 15.59
C ALA B 24 13.73 -7.15 16.13
N SER B 25 14.10 -8.38 16.47
CA SER B 25 15.48 -8.73 16.89
C SER B 25 15.89 -10.06 16.27
N GLY B 26 17.20 -10.24 16.03
CA GLY B 26 17.75 -11.40 15.33
C GLY B 26 18.29 -11.04 13.95
N SER B 27 18.05 -11.90 12.95
CA SER B 27 18.49 -11.68 11.57
C SER B 27 17.72 -10.58 10.85
N ILE B 28 17.93 -9.35 11.30
CA ILE B 28 17.27 -8.16 10.76
C ILE B 28 17.37 -8.04 9.23
N SER B 29 18.58 -8.23 8.70
CA SER B 29 18.86 -8.04 7.27
C SER B 29 18.20 -9.05 6.32
N SER B 30 17.80 -10.21 6.84
CA SER B 30 17.08 -11.20 6.05
C SER B 30 15.53 -10.97 5.98
N ILE B 31 15.01 -9.98 6.73
CA ILE B 31 13.55 -9.73 6.71
C ILE B 31 13.14 -9.05 5.42
N THR B 32 12.15 -9.61 4.73
CA THR B 32 11.70 -9.04 3.45
C THR B 32 10.59 -7.99 3.66
N THR B 33 9.64 -8.33 4.52
CA THR B 33 8.48 -7.49 4.74
C THR B 33 8.10 -7.67 6.17
N MET B 34 7.55 -6.61 6.76
CA MET B 34 6.98 -6.72 8.08
C MET B 34 5.63 -6.11 7.96
N GLY B 35 4.67 -6.60 8.72
CA GLY B 35 3.31 -6.08 8.58
C GLY B 35 2.43 -6.31 9.79
N TRP B 36 1.25 -5.71 9.73
CA TRP B 36 0.20 -6.00 10.69
C TRP B 36 -0.93 -6.67 10.02
N TYR B 37 -1.44 -7.67 10.71
CA TYR B 37 -2.59 -8.43 10.27
C TYR B 37 -3.49 -8.43 11.45
N ARG B 38 -4.80 -8.57 11.23
CA ARG B 38 -5.68 -8.57 12.38
C ARG B 38 -6.63 -9.72 12.27
N GLN B 39 -7.15 -10.13 13.43
CA GLN B 39 -8.07 -11.21 13.47
C GLN B 39 -9.10 -10.98 14.55
N ASP B 40 -10.37 -11.09 14.15
CA ASP B 40 -11.50 -11.13 15.08
C ASP B 40 -11.75 -12.58 15.51
N PRO B 41 -12.43 -12.80 16.65
CA PRO B 41 -12.77 -14.18 17.04
C PRO B 41 -13.43 -14.99 15.92
N GLY B 42 -12.83 -16.14 15.60
CA GLY B 42 -13.37 -17.09 14.61
C GLY B 42 -12.95 -16.89 13.16
N LYS B 43 -12.92 -15.63 12.72
CA LYS B 43 -12.64 -15.27 11.33
C LYS B 43 -11.17 -15.43 10.97
N GLY B 44 -10.90 -15.55 9.66
CA GLY B 44 -9.54 -15.61 9.15
C GLY B 44 -8.74 -14.36 9.49
N ARG B 45 -7.42 -14.51 9.48
CA ARG B 45 -6.49 -13.43 9.69
C ARG B 45 -6.37 -12.61 8.41
N GLU B 46 -6.40 -11.29 8.54
CA GLU B 46 -6.46 -10.47 7.34
C GLU B 46 -5.42 -9.34 7.37
N LEU B 47 -4.88 -9.04 6.18
CA LEU B 47 -3.96 -7.95 5.99
C LEU B 47 -4.49 -6.63 6.53
N VAL B 48 -3.63 -5.92 7.25
CA VAL B 48 -3.91 -4.53 7.62
C VAL B 48 -2.94 -3.65 6.85
N ALA B 49 -1.63 -3.85 7.02
CA ALA B 49 -0.63 -3.03 6.33
C ALA B 49 0.74 -3.70 6.36
N LEU B 50 1.54 -3.44 5.33
CA LEU B 50 2.85 -4.04 5.16
C LEU B 50 3.81 -3.00 4.67
N ILE B 51 5.07 -3.18 5.03
CA ILE B 51 6.13 -2.34 4.54
C ILE B 51 7.24 -3.32 4.19
N ASN B 52 7.82 -3.19 3.01
CA ASN B 52 8.89 -4.11 2.65
C ASN B 52 10.24 -3.47 2.90
N SER B 53 11.30 -4.21 2.60
CA SER B 53 12.62 -3.74 3.02
C SER B 53 13.12 -2.51 2.26
N VAL B 54 12.46 -2.13 1.16
CA VAL B 54 12.75 -0.83 0.51
C VAL B 54 11.77 0.33 0.86
N GLY B 55 10.87 0.07 1.81
CA GLY B 55 9.93 1.10 2.28
C GLY B 55 8.65 1.19 1.48
N ASP B 56 8.45 0.29 0.53
CA ASP B 56 7.16 0.25 -0.17
C ASP B 56 6.08 -0.13 0.82
N THR B 57 4.88 0.43 0.72
CA THR B 57 3.88 0.11 1.71
C THR B 57 2.61 -0.42 1.05
N THR B 58 1.84 -1.23 1.77
CA THR B 58 0.55 -1.71 1.23
C THR B 58 -0.51 -1.57 2.31
N TYR B 59 -1.72 -1.16 1.91
CA TYR B 59 -2.79 -0.95 2.87
C TYR B 59 -4.02 -1.72 2.50
N ALA B 60 -4.65 -2.41 3.47
CA ALA B 60 -5.97 -3.00 3.17
C ALA B 60 -6.93 -1.90 2.79
N GLY B 61 -7.88 -2.21 1.91
CA GLY B 61 -8.90 -1.24 1.46
C GLY B 61 -9.66 -0.65 2.64
N SER B 62 -9.87 -1.47 3.65
CA SER B 62 -10.64 -1.06 4.79
C SER B 62 -9.92 -0.06 5.71
N VAL B 63 -8.58 0.05 5.64
CA VAL B 63 -7.84 0.93 6.57
C VAL B 63 -7.08 2.08 5.91
N LYS B 64 -6.97 2.03 4.59
CA LYS B 64 -6.14 3.02 3.88
C LYS B 64 -6.62 4.45 4.20
N GLY B 65 -5.68 5.38 4.37
CA GLY B 65 -6.06 6.76 4.72
C GLY B 65 -6.30 6.97 6.21
N ARG B 66 -6.56 5.91 6.97
CA ARG B 66 -6.74 6.05 8.41
C ARG B 66 -5.54 5.54 9.18
N PHE B 67 -4.93 4.48 8.64
CA PHE B 67 -3.78 3.85 9.28
C PHE B 67 -2.56 4.16 8.45
N THR B 68 -1.43 4.38 9.12
CA THR B 68 -0.13 4.56 8.46
C THR B 68 0.87 3.59 9.05
N ILE B 69 1.55 2.84 8.19
CA ILE B 69 2.60 1.95 8.65
C ILE B 69 3.93 2.66 8.37
N SER B 70 4.88 2.53 9.26
CA SER B 70 6.19 3.13 9.03
C SER B 70 7.26 2.29 9.74
N ARG B 71 8.52 2.59 9.48
CA ARG B 71 9.62 1.84 10.06
C ARG B 71 10.68 2.80 10.54
N ASP B 72 11.38 2.41 11.58
CA ASP B 72 12.59 3.10 12.00
C ASP B 72 13.69 2.07 11.78
N ASN B 73 14.50 2.29 10.75
CA ASN B 73 15.56 1.35 10.37
C ASN B 73 16.67 1.24 11.40
N ALA B 74 16.98 2.37 12.04
CA ALA B 74 17.96 2.40 13.12
C ALA B 74 17.51 1.49 14.28
N LYS B 75 16.23 1.60 14.65
CA LYS B 75 15.68 0.84 15.79
C LYS B 75 15.12 -0.52 15.43
N ASN B 76 15.26 -0.93 14.16
CA ASN B 76 14.69 -2.20 13.72
C ASN B 76 13.18 -2.36 14.12
N THR B 77 12.46 -1.23 14.09
CA THR B 77 11.07 -1.20 14.58
C THR B 77 10.06 -0.70 13.51
N VAL B 78 8.90 -1.37 13.45
CA VAL B 78 7.76 -0.93 12.64
C VAL B 78 6.55 -0.45 13.46
N TYR B 79 5.90 0.61 12.99
CA TYR B 79 4.80 1.23 13.72
C TYR B 79 3.50 1.21 12.90
N LEU B 80 2.37 1.02 13.58
CA LEU B 80 1.10 1.26 12.94
C LEU B 80 0.40 2.40 13.64
N GLU B 81 0.27 3.52 12.95
CA GLU B 81 -0.40 4.70 13.48
C GLU B 81 -1.87 4.59 13.09
N MET B 82 -2.75 4.35 14.05
CA MET B 82 -4.17 4.17 13.75
C MET B 82 -4.93 5.42 14.15
N SER B 83 -5.69 5.97 13.21
CA SER B 83 -6.47 7.18 13.51
C SER B 83 -7.89 6.95 12.99
N SER B 84 -8.80 7.86 13.29
CA SER B 84 -10.22 7.67 12.95
C SER B 84 -10.76 6.26 13.24
N LEU B 85 -10.44 5.72 14.41
CA LEU B 85 -10.75 4.32 14.71
C LEU B 85 -12.27 4.06 14.76
N LYS B 86 -12.69 2.90 14.28
CA LYS B 86 -14.13 2.56 14.27
C LYS B 86 -14.37 1.25 15.03
N PRO B 87 -15.57 1.07 15.59
CA PRO B 87 -15.84 -0.20 16.28
C PRO B 87 -15.34 -1.42 15.49
N GLU B 88 -15.49 -1.39 14.17
CA GLU B 88 -15.10 -2.53 13.31
C GLU B 88 -13.60 -2.81 13.27
N ASP B 89 -12.80 -1.89 13.81
CA ASP B 89 -11.33 -2.05 13.90
C ASP B 89 -10.91 -2.89 15.12
N THR B 90 -11.87 -3.21 15.99
CA THR B 90 -11.63 -4.09 17.17
C THR B 90 -11.17 -5.45 16.71
N ALA B 91 -10.04 -5.91 17.23
CA ALA B 91 -9.45 -7.13 16.76
C ALA B 91 -8.18 -7.35 17.56
N VAL B 92 -7.63 -8.55 17.48
CA VAL B 92 -6.24 -8.75 17.90
C VAL B 92 -5.39 -8.40 16.66
N TYR B 93 -4.36 -7.57 16.85
CA TYR B 93 -3.42 -7.21 15.78
C TYR B 93 -2.07 -7.93 16.00
N TYR B 94 -1.61 -8.62 14.95
CA TYR B 94 -0.37 -9.39 15.01
C TYR B 94 0.70 -8.77 14.16
N CYS B 95 1.88 -8.60 14.73
CA CYS B 95 3.01 -8.19 13.93
C CYS B 95 3.56 -9.46 13.22
N ASN B 96 3.92 -9.33 11.94
CA ASN B 96 4.52 -10.41 11.17
C ASN B 96 5.82 -9.95 10.51
N ALA B 97 6.84 -10.81 10.52
CA ALA B 97 8.04 -10.60 9.74
C ALA B 97 8.20 -11.75 8.78
N PHE B 98 8.39 -11.45 7.51
CA PHE B 98 8.47 -12.47 6.50
C PHE B 98 9.87 -12.45 5.94
N MET B 99 10.45 -13.64 5.82
CA MET B 99 11.81 -13.77 5.35
C MET B 99 11.76 -14.68 4.13
N SER B 100 12.16 -14.11 3.00
CA SER B 100 12.22 -14.86 1.75
C SER B 100 13.70 -14.99 1.39
N THR B 101 14.21 -16.22 1.31
CA THR B 101 15.65 -16.42 1.08
C THR B 101 16.01 -16.66 -0.40
N ASN B 102 17.29 -16.55 -0.71
CA ASN B 102 17.81 -16.84 -2.04
C ASN B 102 17.56 -18.28 -2.43
N SER B 103 17.67 -19.18 -1.45
CA SER B 103 17.50 -20.61 -1.69
C SER B 103 16.06 -20.93 -2.15
N GLY B 104 15.13 -20.01 -1.87
CA GLY B 104 13.69 -20.25 -2.09
C GLY B 104 12.91 -20.61 -0.82
N ARG B 105 13.60 -21.01 0.24
CA ARG B 105 12.94 -21.24 1.54
C ARG B 105 12.34 -19.94 2.01
N THR B 106 11.31 -20.01 2.85
CA THR B 106 10.78 -18.82 3.49
C THR B 106 10.58 -19.11 4.95
N GLY B 107 10.56 -18.04 5.75
CA GLY B 107 10.18 -18.09 7.16
C GLY B 107 9.21 -16.94 7.42
N SER B 108 8.22 -17.19 8.26
CA SER B 108 7.22 -16.19 8.57
C SER B 108 7.05 -16.25 10.09
N PHE B 109 7.27 -15.12 10.74
CA PHE B 109 7.32 -15.05 12.21
C PHE B 109 6.23 -14.13 12.73
N TRP B 110 5.48 -14.57 13.72
CA TRP B 110 4.38 -13.79 14.30
C TRP B 110 4.62 -13.43 15.74
N GLY B 111 4.32 -12.17 16.07
CA GLY B 111 4.20 -11.77 17.48
C GLY B 111 3.02 -12.47 18.15
N GLN B 112 2.94 -12.32 19.45
CA GLN B 112 1.84 -12.90 20.22
C GLN B 112 0.48 -12.23 20.02
N GLY B 113 0.48 -11.01 19.47
CA GLY B 113 -0.79 -10.32 19.19
C GLY B 113 -1.11 -9.28 20.24
N THR B 114 -1.75 -8.20 19.85
CA THR B 114 -2.14 -7.19 20.80
C THR B 114 -3.57 -6.72 20.54
N GLN B 115 -4.40 -6.73 21.58
CA GLN B 115 -5.82 -6.36 21.48
C GLN B 115 -5.96 -4.87 21.24
N VAL B 116 -6.80 -4.51 20.27
CA VAL B 116 -7.30 -3.14 20.10
C VAL B 116 -8.81 -3.23 20.19
N THR B 117 -9.39 -2.44 21.08
CA THR B 117 -10.85 -2.40 21.21
C THR B 117 -11.27 -0.96 21.06
N VAL B 118 -12.28 -0.76 20.23
CA VAL B 118 -12.79 0.57 19.91
C VAL B 118 -14.24 0.51 20.35
N SER B 119 -14.61 1.30 21.35
CA SER B 119 -15.94 1.20 22.00
C SER B 119 -17.08 1.75 21.15
S SO4 C . -12.35 1.55 -2.50
O1 SO4 C . -11.71 1.19 -1.21
O2 SO4 C . -11.27 1.88 -3.47
O3 SO4 C . -13.13 0.39 -2.95
O4 SO4 C . -13.22 2.70 -2.29
S SO4 D . 11.56 4.26 4.78
O1 SO4 D . 10.58 3.39 5.46
O2 SO4 D . 12.51 3.46 3.99
O3 SO4 D . 10.85 5.14 3.85
O4 SO4 D . 12.28 5.05 5.81
#